data_4GTF
#
_entry.id   4GTF
#
_cell.length_a   109.810
_cell.length_b   109.810
_cell.length_c   122.290
_cell.angle_alpha   90.00
_cell.angle_beta   90.00
_cell.angle_gamma   90.00
#
_symmetry.space_group_name_H-M   'I 41 2 2'
#
loop_
_entity.id
_entity.type
_entity.pdbx_description
1 polymer 'Thymidylate synthase thyX'
2 non-polymer 'FLAVIN-ADENINE DINUCLEOTIDE'
3 non-polymer "2'-DEOXYURIDINE 5'-MONOPHOSPHATE"
4 non-polymer 'N-({4-[(6aR)-3-amino-1-oxo-1,2,5,6,6a,7-hexahydroimidazo[1,5-f]pteridin-8(9H)-yl]phenyl}carbonyl)-L-glutamic acid'
5 non-polymer 'CHLORIDE ION'
6 water water
#
_entity_poly.entity_id   1
_entity_poly.type   'polypeptide(L)'
_entity_poly.pdbx_seq_one_letter_code
;MGSDKIHHHHHHMKIDILDKGFVELVDVMGNDLSAVRAARVSFDMGLKDEERDRHLIEYLMKHGAETPFEHIVFTFHVKA
PIFVARQWFRHRIASYNELSGRYSKLSYEFYIPSPERLEGYKTTIPPERVTEKISEIVDKAYRTYLELIESGVPREVARI
VLPLNLYTRFFWTVNARSLMNFLNLRADSHAQWEIQQYALAIARIFKEKCPWTFEAFLKYAYKGDILKEVQV
;
_entity_poly.pdbx_strand_id   A
#
# COMPACT_ATOMS: atom_id res chain seq x y z
N MET A 13 6.79 10.54 7.91
CA MET A 13 7.37 9.15 7.80
C MET A 13 7.41 8.65 6.35
N LYS A 14 8.62 8.31 5.91
CA LYS A 14 8.86 7.81 4.56
C LYS A 14 9.71 6.53 4.60
N ILE A 15 9.37 5.54 3.79
CA ILE A 15 10.03 4.26 3.81
C ILE A 15 10.33 3.81 2.36
N ASP A 16 11.61 3.55 2.07
CA ASP A 16 12.00 3.01 0.75
C ASP A 16 11.56 1.56 0.61
N ILE A 17 11.00 1.21 -0.56
CA ILE A 17 10.54 -0.15 -0.85
C ILE A 17 11.08 -0.59 -2.20
N LEU A 18 11.45 -1.87 -2.32
CA LEU A 18 12.02 -2.40 -3.55
C LEU A 18 13.27 -1.60 -3.96
N ASP A 19 13.52 -1.45 -5.25
CA ASP A 19 14.74 -0.81 -5.69
C ASP A 19 14.59 0.73 -5.81
N LYS A 20 13.41 1.20 -6.16
CA LYS A 20 13.15 2.64 -6.41
C LYS A 20 11.82 3.14 -5.83
N GLY A 21 11.08 2.27 -5.15
CA GLY A 21 9.77 2.61 -4.59
C GLY A 21 9.83 3.29 -3.24
N PHE A 22 8.67 3.74 -2.79
CA PHE A 22 8.54 4.29 -1.44
C PHE A 22 7.09 4.31 -1.01
N VAL A 23 6.90 4.49 0.27
CA VAL A 23 5.63 4.76 0.90
C VAL A 23 5.90 5.94 1.82
N GLU A 24 5.10 7.00 1.71
CA GLU A 24 5.23 8.16 2.57
C GLU A 24 3.86 8.52 3.16
N LEU A 25 3.81 8.81 4.45
CA LEU A 25 2.58 9.34 5.03
C LEU A 25 2.50 10.84 4.78
N VAL A 26 1.44 11.29 4.09
CA VAL A 26 1.21 12.70 3.74
C VAL A 26 0.39 13.44 4.81
N ASP A 27 -0.60 12.75 5.37
CA ASP A 27 -1.50 13.35 6.35
C ASP A 27 -2.25 12.25 7.09
N VAL A 28 -2.78 12.60 8.25
CA VAL A 28 -3.54 11.67 9.07
C VAL A 28 -4.56 12.49 9.85
N MET A 29 -5.74 11.93 10.03
CA MET A 29 -6.78 12.46 10.89
C MET A 29 -7.04 11.48 12.00
N GLY A 30 -6.89 11.94 13.23
CA GLY A 30 -7.26 11.14 14.35
C GLY A 30 -6.14 10.28 14.86
N ASN A 31 -6.50 9.51 15.89
CA ASN A 31 -5.59 8.64 16.61
C ASN A 31 -6.44 7.57 17.30
N ASP A 32 -5.80 6.78 18.17
CA ASP A 32 -6.53 5.74 18.90
C ASP A 32 -7.75 6.33 19.63
N LEU A 33 -7.62 7.52 20.19
CA LEU A 33 -8.75 8.09 20.94
C LEU A 33 -9.93 8.51 20.05
N SER A 34 -9.68 8.70 18.76
CA SER A 34 -10.74 9.02 17.80
C SER A 34 -11.74 7.90 17.72
N ALA A 35 -11.26 6.66 17.77
CA ALA A 35 -12.12 5.47 17.72
C ALA A 35 -12.87 5.34 19.05
N VAL A 36 -12.17 5.59 20.15
CA VAL A 36 -12.79 5.48 21.47
C VAL A 36 -13.95 6.49 21.58
N ARG A 37 -13.69 7.74 21.19
N ARG A 37 -13.69 7.73 21.16
CA ARG A 37 -14.68 8.80 21.37
CA ARG A 37 -14.70 8.79 21.21
C ARG A 37 -15.87 8.59 20.43
C ARG A 37 -15.91 8.42 20.37
N ALA A 38 -15.72 7.67 19.46
N ALA A 38 -15.66 8.22 19.07
CA ALA A 38 -16.78 7.30 18.54
CA ALA A 38 -16.71 7.92 18.12
C ALA A 38 -17.53 6.06 18.99
C ALA A 38 -17.56 6.83 18.71
N ALA A 39 -16.82 5.12 19.62
N ALA A 39 -16.94 5.74 19.18
CA ALA A 39 -17.44 3.92 20.18
CA ALA A 39 -17.68 4.61 19.76
C ALA A 39 -18.35 4.22 21.38
C ALA A 39 -18.55 5.07 20.95
N ARG A 40 -17.83 5.02 22.31
N ARG A 40 -17.99 5.94 21.78
CA ARG A 40 -18.48 5.24 23.60
CA ARG A 40 -18.73 6.49 22.94
C ARG A 40 -19.79 5.99 23.48
C ARG A 40 -19.67 7.66 22.55
N VAL A 41 -20.00 6.69 22.35
N VAL A 41 -19.50 8.22 21.35
CA VAL A 41 -21.25 7.41 22.13
CA VAL A 41 -20.17 9.47 20.93
C VAL A 41 -22.41 6.44 22.28
C VAL A 41 -19.91 10.55 22.00
N SER A 42 -22.17 5.16 22.00
N SER A 42 -18.62 10.75 22.32
CA SER A 42 -23.25 4.19 22.03
CA SER A 42 -18.20 11.66 23.39
C SER A 42 -23.84 4.11 23.41
C SER A 42 -18.35 13.14 23.16
N PHE A 43 -22.97 4.22 24.41
N PHE A 43 -18.93 13.83 24.13
CA PHE A 43 -23.35 4.12 25.82
CA PHE A 43 -18.62 15.22 24.28
C PHE A 43 -23.61 5.48 26.45
C PHE A 43 -17.21 15.30 24.82
N ASP A 44 -23.65 6.54 25.63
CA ASP A 44 -23.81 7.89 26.13
C ASP A 44 -22.61 8.25 27.01
N MET A 45 -21.41 7.76 26.67
CA MET A 45 -20.22 8.04 27.50
C MET A 45 -19.23 8.79 26.62
N LYS A 48 -12.37 7.62 29.15
CA LYS A 48 -12.37 7.46 30.60
C LYS A 48 -10.95 7.64 31.22
N ASP A 49 -10.05 6.71 30.94
CA ASP A 49 -8.62 6.83 31.29
C ASP A 49 -7.88 5.83 30.40
N GLU A 50 -6.55 5.84 30.41
CA GLU A 50 -5.80 5.03 29.42
C GLU A 50 -6.08 3.53 29.54
N GLU A 51 -6.23 3.05 30.78
CA GLU A 51 -6.54 1.65 31.00
C GLU A 51 -7.91 1.28 30.37
N ARG A 52 -8.93 2.08 30.66
CA ARG A 52 -10.27 1.78 30.14
C ARG A 52 -10.40 1.96 28.63
N ASP A 53 -9.73 2.98 28.10
CA ASP A 53 -9.80 3.26 26.66
C ASP A 53 -9.07 2.22 25.85
N ARG A 54 -7.93 1.78 26.34
CA ARG A 54 -7.24 0.67 25.73
C ARG A 54 -8.06 -0.63 25.78
N HIS A 55 -8.74 -0.91 26.91
CA HIS A 55 -9.61 -2.10 26.99
C HIS A 55 -10.75 -2.03 25.98
N LEU A 56 -11.30 -0.84 25.79
CA LEU A 56 -12.40 -0.66 24.82
C LEU A 56 -11.91 -0.98 23.43
N ILE A 57 -10.73 -0.47 23.06
CA ILE A 57 -10.16 -0.80 21.78
C ILE A 57 -10.01 -2.28 21.57
N GLU A 58 -9.48 -2.99 22.58
CA GLU A 58 -9.34 -4.45 22.52
C GLU A 58 -10.72 -5.13 22.43
N TYR A 59 -11.69 -4.62 23.16
CA TYR A 59 -13.05 -5.15 23.13
C TYR A 59 -13.61 -5.06 21.74
N LEU A 60 -13.50 -3.88 21.14
CA LEU A 60 -14.03 -3.69 19.76
C LEU A 60 -13.38 -4.66 18.79
N MET A 61 -12.06 -4.79 18.89
CA MET A 61 -11.31 -5.59 17.97
C MET A 61 -11.65 -7.08 18.12
N LYS A 62 -11.75 -7.51 19.36
CA LYS A 62 -12.07 -8.89 19.72
C LYS A 62 -13.43 -9.33 19.15
N HIS A 63 -14.39 -8.41 19.15
CA HIS A 63 -15.76 -8.69 18.71
C HIS A 63 -16.10 -8.30 17.29
N GLY A 64 -15.11 -7.85 16.53
CA GLY A 64 -15.33 -7.44 15.15
C GLY A 64 -16.17 -6.18 15.02
N ALA A 65 -16.23 -5.40 16.10
CA ALA A 65 -17.01 -4.18 16.07
C ALA A 65 -16.09 -3.07 15.56
N GLU A 66 -15.87 -3.04 14.26
CA GLU A 66 -14.78 -2.24 13.69
C GLU A 66 -15.19 -0.91 13.14
N THR A 67 -16.49 -0.62 13.11
CA THR A 67 -16.88 0.70 12.59
C THR A 67 -16.18 1.91 13.28
N PRO A 68 -15.91 1.83 14.60
CA PRO A 68 -15.31 3.04 15.21
C PRO A 68 -13.96 3.40 14.62
N PHE A 69 -13.24 2.42 14.08
CA PHE A 69 -11.92 2.65 13.47
C PHE A 69 -12.00 3.35 12.13
N GLU A 70 -13.21 3.50 11.55
CA GLU A 70 -13.35 4.24 10.34
C GLU A 70 -13.15 5.75 10.55
N HIS A 71 -13.09 6.20 11.80
CA HIS A 71 -12.95 7.62 12.09
C HIS A 71 -11.45 8.05 12.17
N ILE A 72 -10.56 7.12 11.89
CA ILE A 72 -9.12 7.35 11.77
C ILE A 72 -8.80 7.22 10.30
N VAL A 73 -8.21 8.25 9.72
CA VAL A 73 -7.99 8.27 8.29
C VAL A 73 -6.54 8.68 7.95
N PHE A 74 -5.99 8.02 6.94
CA PHE A 74 -4.61 8.26 6.49
C PHE A 74 -4.58 8.69 5.02
N THR A 75 -3.60 9.52 4.65
CA THR A 75 -3.25 9.69 3.24
C THR A 75 -1.80 9.36 3.04
N PHE A 76 -1.54 8.47 2.09
CA PHE A 76 -0.20 8.06 1.72
C PHE A 76 0.10 8.50 0.29
N HIS A 77 1.40 8.73 0.04
CA HIS A 77 1.96 8.88 -1.31
C HIS A 77 2.83 7.65 -1.53
N VAL A 78 2.53 6.90 -2.59
CA VAL A 78 3.13 5.63 -2.89
C VAL A 78 3.72 5.63 -4.29
N LYS A 79 4.96 5.15 -4.40
CA LYS A 79 5.62 4.89 -5.69
C LYS A 79 5.85 3.40 -5.80
N ALA A 80 5.25 2.78 -6.80
CA ALA A 80 5.23 1.34 -6.91
C ALA A 80 5.11 0.94 -8.39
N PRO A 81 5.55 -0.27 -8.72
CA PRO A 81 5.38 -0.71 -10.10
C PRO A 81 3.91 -0.95 -10.44
N ILE A 82 3.58 -0.85 -11.72
CA ILE A 82 2.19 -0.99 -12.12
C ILE A 82 1.59 -2.34 -11.65
N PHE A 83 2.31 -3.46 -11.73
CA PHE A 83 1.70 -4.75 -11.32
C PHE A 83 1.34 -4.76 -9.81
N VAL A 84 2.08 -4.00 -9.02
CA VAL A 84 1.76 -3.83 -7.60
C VAL A 84 0.54 -2.93 -7.47
N ALA A 85 0.54 -1.79 -8.17
CA ALA A 85 -0.58 -0.86 -8.11
C ALA A 85 -1.89 -1.54 -8.56
N ARG A 86 -1.84 -2.43 -9.54
CA ARG A 86 -3.05 -3.15 -10.05
CA ARG A 86 -3.09 -3.06 -10.02
C ARG A 86 -3.70 -3.96 -8.93
N GLN A 87 -2.88 -4.56 -8.10
CA GLN A 87 -3.36 -5.37 -7.00
C GLN A 87 -3.91 -4.44 -5.89
N TRP A 88 -3.15 -3.41 -5.59
CA TRP A 88 -3.51 -2.44 -4.55
C TRP A 88 -4.84 -1.76 -4.84
N PHE A 89 -5.08 -1.37 -6.09
CA PHE A 89 -6.25 -0.60 -6.46
C PHE A 89 -7.51 -1.46 -6.46
N ARG A 90 -7.37 -2.77 -6.23
CA ARG A 90 -8.52 -3.63 -6.02
C ARG A 90 -9.23 -3.36 -4.70
N HIS A 91 -8.59 -2.68 -3.78
CA HIS A 91 -9.18 -2.26 -2.51
C HIS A 91 -10.06 -1.05 -2.77
N ARG A 92 -11.35 -1.32 -2.93
CA ARG A 92 -12.33 -0.33 -3.36
C ARG A 92 -12.72 0.66 -2.27
N ILE A 93 -12.55 0.29 -1.00
CA ILE A 93 -13.01 1.13 0.11
C ILE A 93 -11.82 2.03 0.48
N ALA A 94 -11.59 2.99 -0.40
CA ALA A 94 -10.42 3.87 -0.32
C ALA A 94 -10.52 4.81 -1.51
N SER A 95 -9.64 5.80 -1.53
CA SER A 95 -9.59 6.84 -2.55
C SER A 95 -8.19 6.87 -3.15
N TYR A 96 -8.11 7.05 -4.47
CA TYR A 96 -6.88 6.98 -5.25
C TYR A 96 -6.83 8.11 -6.27
N ASN A 97 -5.64 8.68 -6.45
CA ASN A 97 -5.35 9.44 -7.66
C ASN A 97 -3.92 9.14 -8.06
N GLU A 98 -3.77 8.79 -9.33
CA GLU A 98 -2.58 8.20 -9.91
C GLU A 98 -2.07 8.99 -11.11
N LEU A 99 -0.75 9.02 -11.25
CA LEU A 99 -0.08 9.61 -12.39
C LEU A 99 -0.65 8.99 -13.70
N SER A 100 -0.93 9.81 -14.69
CA SER A 100 -1.54 9.34 -15.93
C SER A 100 -0.58 9.24 -17.11
N GLY A 101 -0.62 8.12 -17.79
CA GLY A 101 0.11 7.92 -19.03
C GLY A 101 -0.58 8.52 -20.23
N ARG A 102 -1.83 8.95 -20.08
CA ARG A 102 -2.52 9.62 -21.15
C ARG A 102 -2.04 11.07 -21.21
N TYR A 103 -1.80 11.62 -20.02
CA TYR A 103 -1.54 13.04 -19.84
C TYR A 103 -0.04 13.39 -19.78
N SER A 104 0.77 12.52 -19.15
N SER A 104 0.79 12.55 -19.16
CA SER A 104 2.18 12.81 -18.87
CA SER A 104 2.18 12.93 -18.94
C SER A 104 3.13 11.95 -19.67
C SER A 104 3.14 11.96 -19.63
N LYS A 105 4.35 12.44 -19.93
CA LYS A 105 5.44 11.59 -20.42
C LYS A 105 5.87 10.76 -19.20
N LEU A 106 5.88 9.45 -19.36
CA LEU A 106 6.24 8.52 -18.27
C LEU A 106 7.77 8.39 -18.16
N SER A 107 8.23 8.32 -16.93
CA SER A 107 9.66 8.30 -16.64
C SER A 107 10.27 6.91 -16.83
N TYR A 108 11.54 6.89 -17.20
CA TYR A 108 12.30 5.65 -17.32
C TYR A 108 12.66 5.19 -15.92
N GLU A 109 11.80 4.38 -15.33
CA GLU A 109 12.01 3.84 -13.98
C GLU A 109 11.24 2.54 -13.91
N PHE A 110 11.98 1.45 -13.77
CA PHE A 110 11.42 0.11 -13.73
C PHE A 110 11.91 -0.65 -12.52
N TYR A 111 11.03 -1.50 -12.01
CA TYR A 111 11.42 -2.46 -10.98
C TYR A 111 12.19 -3.65 -11.58
N ILE A 112 13.44 -3.78 -11.19
CA ILE A 112 14.28 -4.89 -11.60
C ILE A 112 14.48 -5.73 -10.35
N PRO A 113 13.93 -6.97 -10.33
CA PRO A 113 14.14 -7.83 -9.17
C PRO A 113 15.60 -8.03 -8.83
N SER A 114 15.90 -8.15 -7.54
CA SER A 114 17.25 -8.52 -7.14
C SER A 114 17.47 -10.02 -7.40
N PRO A 115 18.72 -10.47 -7.56
CA PRO A 115 18.84 -11.94 -7.79
C PRO A 115 18.27 -12.82 -6.66
N GLU A 116 18.25 -12.27 -5.43
CA GLU A 116 17.68 -12.91 -4.23
C GLU A 116 16.17 -13.16 -4.38
N ARG A 117 15.52 -12.44 -5.28
CA ARG A 117 14.08 -12.63 -5.50
C ARG A 117 13.75 -14.07 -5.92
N LEU A 118 14.71 -14.75 -6.53
CA LEU A 118 14.48 -16.12 -6.99
C LEU A 118 14.97 -17.20 -6.04
N GLU A 119 15.28 -16.83 -4.79
CA GLU A 119 15.77 -17.82 -3.82
C GLU A 119 14.65 -18.85 -3.56
N GLY A 120 15.00 -20.13 -3.57
CA GLY A 120 14.00 -21.19 -3.43
C GLY A 120 13.67 -21.81 -4.79
N TYR A 121 13.86 -21.07 -5.88
CA TYR A 121 13.56 -21.58 -7.23
C TYR A 121 14.79 -22.07 -7.97
N LYS A 122 14.78 -23.34 -8.37
CA LYS A 122 15.76 -23.88 -9.29
C LYS A 122 15.45 -23.29 -10.67
N THR A 123 16.42 -22.58 -11.26
CA THR A 123 16.27 -22.06 -12.63
C THR A 123 17.37 -22.57 -13.53
N THR A 124 17.06 -22.70 -14.82
CA THR A 124 18.01 -23.23 -15.78
C THR A 124 18.78 -22.11 -16.48
N ILE A 125 18.51 -20.87 -16.10
CA ILE A 125 19.47 -19.79 -16.34
C ILE A 125 19.75 -19.05 -15.02
N PRO A 126 21.00 -18.61 -14.82
CA PRO A 126 21.43 -17.98 -13.57
C PRO A 126 20.59 -16.76 -13.16
N PRO A 127 20.29 -16.59 -11.85
CA PRO A 127 19.46 -15.49 -11.43
C PRO A 127 19.97 -14.12 -11.90
N GLU A 128 21.29 -13.96 -11.97
CA GLU A 128 21.87 -12.71 -12.49
C GLU A 128 21.54 -12.47 -13.98
N ARG A 129 21.49 -13.53 -14.77
CA ARG A 129 21.05 -13.46 -16.16
C ARG A 129 19.53 -13.20 -16.30
N VAL A 130 18.70 -13.68 -15.39
CA VAL A 130 17.28 -13.32 -15.40
C VAL A 130 17.14 -11.79 -15.22
N THR A 131 17.89 -11.28 -14.25
CA THR A 131 17.97 -9.83 -13.95
C THR A 131 18.33 -9.03 -15.21
N GLU A 132 19.35 -9.47 -15.93
CA GLU A 132 19.80 -8.80 -17.18
C GLU A 132 18.76 -8.86 -18.30
N LYS A 133 18.16 -10.03 -18.49
CA LYS A 133 17.09 -10.19 -19.47
C LYS A 133 15.89 -9.27 -19.21
N ILE A 134 15.52 -9.05 -17.95
CA ILE A 134 14.45 -8.14 -17.60
C ILE A 134 14.88 -6.70 -17.93
N SER A 135 16.11 -6.33 -17.56
CA SER A 135 16.61 -4.96 -17.86
C SER A 135 16.63 -4.69 -19.35
N GLU A 136 17.03 -5.71 -20.13
CA GLU A 136 17.20 -5.55 -21.57
C GLU A 136 15.86 -5.30 -22.25
N ILE A 137 14.83 -6.04 -21.85
CA ILE A 137 13.54 -5.90 -22.53
C ILE A 137 12.86 -4.60 -22.15
N VAL A 138 13.02 -4.21 -20.89
CA VAL A 138 12.45 -2.95 -20.44
C VAL A 138 13.12 -1.74 -21.13
N ASP A 139 14.43 -1.82 -21.32
CA ASP A 139 15.16 -0.79 -22.07
C ASP A 139 14.65 -0.72 -23.52
N LYS A 140 14.45 -1.87 -24.16
CA LYS A 140 13.95 -1.89 -25.55
C LYS A 140 12.51 -1.30 -25.62
N ALA A 141 11.68 -1.62 -24.63
CA ALA A 141 10.29 -1.16 -24.64
C ALA A 141 10.28 0.35 -24.45
N TYR A 142 11.11 0.84 -23.53
CA TYR A 142 11.15 2.29 -23.32
C TYR A 142 11.67 3.00 -24.55
N ARG A 143 12.68 2.43 -25.20
CA ARG A 143 13.20 3.01 -26.44
C ARG A 143 12.07 3.12 -27.50
N THR A 144 11.26 2.08 -27.63
CA THR A 144 10.13 2.13 -28.59
C THR A 144 9.10 3.19 -28.19
N TYR A 145 8.74 3.23 -26.92
CA TYR A 145 7.87 4.25 -26.37
C TYR A 145 8.36 5.64 -26.76
N LEU A 146 9.63 5.92 -26.50
CA LEU A 146 10.15 7.27 -26.75
C LEU A 146 10.17 7.57 -28.26
N GLU A 147 10.54 6.58 -29.08
CA GLU A 147 10.49 6.71 -30.54
C GLU A 147 9.07 7.07 -31.02
N LEU A 148 8.07 6.40 -30.46
CA LEU A 148 6.67 6.68 -30.84
C LEU A 148 6.26 8.10 -30.41
N ILE A 149 6.57 8.45 -29.18
CA ILE A 149 6.29 9.80 -28.67
C ILE A 149 6.95 10.90 -29.50
N GLU A 150 8.22 10.70 -29.84
CA GLU A 150 8.97 11.69 -30.59
C GLU A 150 8.55 11.75 -32.07
N SER A 151 7.85 10.72 -32.55
N SER A 151 7.84 10.74 -32.54
CA SER A 151 7.30 10.71 -33.90
CA SER A 151 7.28 10.71 -33.88
C SER A 151 5.91 11.38 -33.99
C SER A 151 5.88 11.29 -33.98
N GLY A 152 5.31 11.72 -32.86
CA GLY A 152 4.01 12.39 -32.82
C GLY A 152 2.87 11.46 -32.48
N VAL A 153 3.15 10.22 -32.15
CA VAL A 153 2.10 9.34 -31.63
C VAL A 153 1.59 9.84 -30.30
N PRO A 154 0.25 9.89 -30.12
CA PRO A 154 -0.25 10.35 -28.84
C PRO A 154 0.25 9.53 -27.71
N ARG A 155 0.53 10.20 -26.59
CA ARG A 155 1.03 9.51 -25.42
C ARG A 155 0.18 8.32 -24.99
N GLU A 156 -1.14 8.48 -25.00
CA GLU A 156 -2.04 7.43 -24.55
C GLU A 156 -1.98 6.12 -25.37
N VAL A 157 -1.51 6.23 -26.60
CA VAL A 157 -1.25 5.07 -27.47
C VAL A 157 0.19 4.61 -27.31
N ALA A 158 1.13 5.55 -27.33
CA ALA A 158 2.56 5.17 -27.20
C ALA A 158 2.85 4.33 -25.96
N ARG A 159 2.24 4.64 -24.84
CA ARG A 159 2.52 3.96 -23.59
C ARG A 159 2.10 2.50 -23.53
N ILE A 160 1.33 2.03 -24.51
CA ILE A 160 0.77 0.67 -24.42
C ILE A 160 1.89 -0.38 -24.57
N VAL A 161 3.07 0.02 -25.07
CA VAL A 161 4.19 -0.91 -25.21
C VAL A 161 5.03 -1.07 -23.90
N LEU A 162 4.74 -0.23 -22.90
CA LEU A 162 5.52 -0.23 -21.68
C LEU A 162 5.11 -1.40 -20.77
N PRO A 163 6.11 -1.99 -20.12
CA PRO A 163 5.83 -3.18 -19.32
C PRO A 163 5.24 -2.91 -17.94
N LEU A 164 4.69 -3.97 -17.34
CA LEU A 164 4.06 -3.87 -16.05
C LEU A 164 4.98 -3.53 -14.88
N ASN A 165 6.29 -3.63 -15.06
CA ASN A 165 7.23 -3.23 -13.99
C ASN A 165 7.60 -1.72 -14.03
N LEU A 166 6.98 -0.95 -14.92
CA LEU A 166 7.10 0.51 -14.87
C LEU A 166 6.64 1.05 -13.55
N TYR A 167 7.40 1.95 -12.94
CA TYR A 167 6.93 2.64 -11.74
C TYR A 167 5.83 3.65 -12.05
N THR A 168 4.87 3.69 -11.14
CA THR A 168 3.84 4.72 -11.12
C THR A 168 3.77 5.29 -9.70
N ARG A 169 2.97 6.34 -9.53
CA ARG A 169 2.81 7.01 -8.23
C ARG A 169 1.36 7.34 -8.03
N PHE A 170 0.92 7.30 -6.78
CA PHE A 170 -0.44 7.61 -6.44
C PHE A 170 -0.58 8.09 -5.01
N PHE A 171 -1.66 8.83 -4.78
CA PHE A 171 -2.09 9.19 -3.43
C PHE A 171 -3.20 8.21 -3.07
N TRP A 172 -3.20 7.78 -1.82
CA TRP A 172 -4.14 6.80 -1.30
C TRP A 172 -4.69 7.32 0.00
N THR A 173 -6.02 7.51 0.08
CA THR A 173 -6.62 7.92 1.35
C THR A 173 -7.52 6.76 1.79
N VAL A 174 -7.29 6.32 3.02
CA VAL A 174 -7.85 5.06 3.51
C VAL A 174 -8.08 5.19 5.01
N ASN A 175 -9.23 4.72 5.48
CA ASN A 175 -9.47 4.66 6.92
C ASN A 175 -8.88 3.40 7.58
N ALA A 176 -8.79 3.42 8.90
CA ALA A 176 -8.11 2.38 9.61
C ALA A 176 -8.76 1.00 9.48
N ARG A 177 -10.09 0.95 9.31
CA ARG A 177 -10.75 -0.34 9.14
C ARG A 177 -10.40 -0.95 7.78
N SER A 178 -10.48 -0.14 6.74
CA SER A 178 -10.09 -0.61 5.42
C SER A 178 -8.56 -0.90 5.36
N LEU A 179 -7.73 -0.12 6.05
CA LEU A 179 -6.31 -0.41 6.16
C LEU A 179 -6.06 -1.79 6.82
N MET A 180 -6.80 -2.12 7.88
CA MET A 180 -6.66 -3.42 8.55
C MET A 180 -7.04 -4.56 7.57
N ASN A 181 -8.05 -4.30 6.75
CA ASN A 181 -8.41 -5.29 5.71
C ASN A 181 -7.26 -5.47 4.70
N PHE A 182 -6.66 -4.35 4.32
CA PHE A 182 -5.53 -4.38 3.40
C PHE A 182 -4.38 -5.15 4.02
N LEU A 183 -4.13 -4.96 5.32
CA LEU A 183 -3.03 -5.65 5.94
C LEU A 183 -3.33 -7.15 6.09
N ASN A 184 -4.57 -7.50 6.42
CA ASN A 184 -4.93 -8.91 6.45
C ASN A 184 -4.56 -9.61 5.14
N LEU A 185 -4.81 -8.93 4.03
CA LEU A 185 -4.73 -9.55 2.71
C LEU A 185 -3.34 -9.44 2.11
N ARG A 186 -2.68 -8.33 2.35
CA ARG A 186 -1.41 -8.00 1.68
C ARG A 186 -0.18 -8.19 2.55
N ALA A 187 -0.31 -8.05 3.86
CA ALA A 187 0.73 -8.47 4.79
C ALA A 187 0.53 -9.93 5.15
N ASP A 188 0.75 -10.77 4.15
CA ASP A 188 0.44 -12.17 4.24
C ASP A 188 1.20 -12.92 3.13
N SER A 189 1.63 -14.12 3.47
CA SER A 189 2.47 -14.96 2.60
C SER A 189 1.78 -15.30 1.29
N HIS A 190 0.45 -15.27 1.24
CA HIS A 190 -0.26 -15.57 -0.01
C HIS A 190 -0.21 -14.42 -1.02
N ALA A 191 0.00 -13.19 -0.54
CA ALA A 191 0.12 -12.05 -1.41
C ALA A 191 1.47 -12.09 -2.11
N GLN A 192 1.55 -11.45 -3.26
CA GLN A 192 2.83 -11.41 -4.01
C GLN A 192 3.89 -10.68 -3.14
N TRP A 193 5.11 -11.22 -3.14
CA TRP A 193 6.19 -10.69 -2.27
C TRP A 193 6.33 -9.19 -2.40
N GLU A 194 6.28 -8.66 -3.62
CA GLU A 194 6.44 -7.22 -3.83
C GLU A 194 5.42 -6.36 -3.07
N ILE A 195 4.12 -6.69 -3.14
CA ILE A 195 3.16 -5.94 -2.37
C ILE A 195 3.27 -6.18 -0.88
N GLN A 196 3.69 -7.38 -0.47
CA GLN A 196 3.99 -7.65 0.93
C GLN A 196 4.95 -6.61 1.52
N GLN A 197 5.96 -6.26 0.73
CA GLN A 197 6.97 -5.30 1.20
CA GLN A 197 6.97 -5.30 1.20
C GLN A 197 6.34 -3.91 1.45
N TYR A 198 5.38 -3.52 0.60
CA TYR A 198 4.66 -2.25 0.76
C TYR A 198 3.74 -2.34 1.98
N ALA A 199 3.07 -3.49 2.14
CA ALA A 199 2.21 -3.72 3.29
C ALA A 199 2.97 -3.65 4.61
N LEU A 200 4.18 -4.18 4.67
CA LEU A 200 5.02 -4.08 5.87
C LEU A 200 5.30 -2.62 6.21
N ALA A 201 5.52 -1.79 5.20
CA ALA A 201 5.75 -0.33 5.41
C ALA A 201 4.50 0.38 5.92
N ILE A 202 3.36 0.09 5.32
CA ILE A 202 2.05 0.61 5.74
C ILE A 202 1.83 0.21 7.19
N ALA A 203 2.10 -1.06 7.54
CA ALA A 203 1.93 -1.51 8.94
C ALA A 203 2.82 -0.74 9.92
N ARG A 204 4.06 -0.49 9.55
CA ARG A 204 5.00 0.24 10.42
C ARG A 204 4.44 1.65 10.69
N ILE A 205 3.89 2.31 9.68
CA ILE A 205 3.33 3.66 9.87
C ILE A 205 2.05 3.62 10.71
N PHE A 206 1.19 2.65 10.43
CA PHE A 206 -0.05 2.48 11.21
C PHE A 206 0.26 2.26 12.71
N LYS A 207 1.21 1.39 13.00
CA LYS A 207 1.66 1.13 14.35
C LYS A 207 2.14 2.39 15.03
N GLU A 208 2.91 3.21 14.30
CA GLU A 208 3.47 4.46 14.89
C GLU A 208 2.34 5.44 15.24
N LYS A 209 1.32 5.51 14.39
CA LYS A 209 0.26 6.51 14.55
C LYS A 209 -0.86 6.07 15.47
N CYS A 210 -1.10 4.76 15.52
CA CYS A 210 -2.22 4.17 16.26
C CYS A 210 -1.76 2.95 17.04
N PRO A 211 -0.89 3.14 18.03
CA PRO A 211 -0.29 1.95 18.64
C PRO A 211 -1.27 1.01 19.37
N TRP A 212 -2.29 1.55 20.02
CA TRP A 212 -3.22 0.70 20.75
C TRP A 212 -4.06 -0.11 19.76
N THR A 213 -4.55 0.55 18.72
CA THR A 213 -5.31 -0.10 17.65
C THR A 213 -4.49 -1.15 16.97
N PHE A 214 -3.24 -0.82 16.65
CA PHE A 214 -2.39 -1.78 15.96
C PHE A 214 -2.13 -3.01 16.81
N GLU A 215 -1.79 -2.84 18.08
CA GLU A 215 -1.46 -3.98 18.90
C GLU A 215 -2.72 -4.84 19.13
N ALA A 216 -3.87 -4.21 19.32
CA ALA A 216 -5.15 -4.91 19.46
C ALA A 216 -5.48 -5.67 18.16
N PHE A 217 -5.23 -5.05 17.01
CA PHE A 217 -5.37 -5.69 15.71
C PHE A 217 -4.54 -6.96 15.62
N LEU A 218 -3.25 -6.85 15.91
CA LEU A 218 -2.39 -8.04 15.84
C LEU A 218 -2.83 -9.16 16.76
N LYS A 219 -3.20 -8.80 17.99
CA LYS A 219 -3.57 -9.77 19.02
C LYS A 219 -4.88 -10.49 18.70
N TYR A 220 -5.84 -9.76 18.16
CA TYR A 220 -7.23 -10.23 18.13
C TYR A 220 -7.87 -10.41 16.79
N ALA A 221 -7.40 -9.71 15.75
CA ALA A 221 -8.15 -9.66 14.50
C ALA A 221 -7.33 -9.92 13.25
N TYR A 222 -6.02 -9.66 13.33
CA TYR A 222 -5.18 -9.79 12.15
C TYR A 222 -5.16 -11.24 11.70
N LYS A 223 -5.42 -11.44 10.41
CA LYS A 223 -5.61 -12.77 9.79
C LYS A 223 -4.39 -13.28 9.03
N GLY A 224 -3.43 -12.42 8.75
CA GLY A 224 -2.22 -12.82 8.03
C GLY A 224 -1.17 -13.55 8.84
N ASP A 225 -0.08 -13.89 8.17
CA ASP A 225 0.98 -14.67 8.78
C ASP A 225 2.37 -14.02 8.78
N ILE A 226 2.47 -12.71 8.53
CA ILE A 226 3.76 -12.06 8.50
C ILE A 226 4.01 -11.11 9.69
N LEU A 227 3.03 -10.29 10.01
CA LEU A 227 3.17 -9.37 11.12
C LEU A 227 3.09 -10.17 12.44
#